data_4Z09
#
_entry.id   4Z09
#
_cell.length_a   38.075
_cell.length_b   72.025
_cell.length_c   115.390
_cell.angle_alpha   90.000
_cell.angle_beta   90.000
_cell.angle_gamma   90.000
#
_symmetry.space_group_name_H-M   'P 21 21 21'
#
loop_
_entity.id
_entity.type
_entity.pdbx_description
1 polymer 'Apical membrane antigen 1'
2 polymer 'Rhoptry neck protein 2'
3 non-polymer GLYCEROL
4 water water
#
loop_
_entity_poly.entity_id
_entity_poly.type
_entity_poly.pdbx_seq_one_letter_code
_entity_poly.pdbx_strand_id
1 'polypeptide(L)'
;NYMGNPWTEYMAKYDIEEVHGSGIRVDLGEDAEVAGTQYRLPSGKCPVFGKGIIIENSNTTFLKPVATGNQDLKDGGFAF
PPTNPLISPMTLNGMRDFYKNNEYVKNLDELTLCSRHAGNMNPDNDKNSNYKYPAVYDYNDKKCHILYIAAQENNGPRYC
NKDQSKRNSMFCFRPAKDKLFENYTYLSKNVVDNWEEVCPRKNLENAKFGLWVDGNCEDIPHVNEFSANDLFECNKLVFE
LSASDQPKQYEQHLTDYEKIKEGFKNKNASMIKSAFLPTGAFKADRYKSHGKGYNWGNYNRETQKCEIFNVKPTCLINNS
SYIATTALSHPIEVE
;
A
2 'polypeptide(L)' CFTARMSPPQQIC C
#
# COMPACT_ATOMS: atom_id res chain seq x y z
N ASN A 5 -6.00 17.28 23.32
CA ASN A 5 -6.82 16.50 22.39
C ASN A 5 -6.86 15.03 22.80
N PRO A 6 -8.05 14.56 23.22
CA PRO A 6 -8.25 13.17 23.63
C PRO A 6 -8.16 12.19 22.45
N TRP A 7 -8.29 12.71 21.24
CA TRP A 7 -8.28 11.88 20.03
C TRP A 7 -6.88 11.62 19.51
N THR A 8 -5.88 12.26 20.13
CA THR A 8 -4.50 12.23 19.63
C THR A 8 -3.96 10.83 19.32
N GLU A 9 -4.02 9.94 20.32
CA GLU A 9 -3.51 8.59 20.16
C GLU A 9 -4.29 7.80 19.11
N TYR A 10 -5.61 7.93 19.13
CA TYR A 10 -6.47 7.20 18.22
C TYR A 10 -6.29 7.66 16.77
N MET A 11 -6.11 8.97 16.58
CA MET A 11 -6.05 9.55 15.24
C MET A 11 -4.65 9.49 14.64
N ALA A 12 -3.72 8.89 15.36
CA ALA A 12 -2.32 8.84 14.92
C ALA A 12 -2.17 8.11 13.59
N LYS A 13 -2.93 7.03 13.41
CA LYS A 13 -2.82 6.21 12.21
C LYS A 13 -3.32 6.93 10.96
N TYR A 14 -4.01 8.05 11.15
CA TYR A 14 -4.58 8.79 10.03
C TYR A 14 -3.70 9.98 9.65
N ASP A 15 -2.58 10.14 10.36
CA ASP A 15 -1.54 11.05 9.94
C ASP A 15 -0.69 10.34 8.90
N ILE A 16 -1.27 10.15 7.72
CA ILE A 16 -0.68 9.35 6.65
C ILE A 16 0.70 9.85 6.25
N GLU A 17 0.88 11.17 6.28
CA GLU A 17 2.18 11.76 5.98
C GLU A 17 3.25 11.25 6.95
N GLU A 18 2.84 10.96 8.19
CA GLU A 18 3.77 10.51 9.22
C GLU A 18 3.94 8.98 9.24
N VAL A 19 2.83 8.26 9.17
CA VAL A 19 2.85 6.81 9.32
C VAL A 19 3.15 6.08 8.01
N HIS A 20 2.80 6.69 6.88
CA HIS A 20 3.07 6.10 5.58
C HIS A 20 4.28 6.75 4.94
N GLY A 21 4.28 8.08 4.88
CA GLY A 21 5.44 8.85 4.50
C GLY A 21 5.86 8.79 3.03
N SER A 22 4.98 8.28 2.17
CA SER A 22 5.29 8.19 0.75
C SER A 22 4.04 8.26 -0.10
N GLY A 23 4.20 8.10 -1.40
CA GLY A 23 3.08 8.09 -2.33
C GLY A 23 2.17 6.90 -2.07
N ILE A 24 0.91 7.04 -2.44
CA ILE A 24 -0.06 5.97 -2.25
C ILE A 24 -0.56 5.44 -3.59
N ARG A 25 -1.08 6.34 -4.42
CA ARG A 25 -1.50 5.97 -5.77
C ARG A 25 -0.30 5.44 -6.54
N VAL A 26 0.78 6.23 -6.54
CA VAL A 26 2.05 5.77 -7.07
C VAL A 26 3.14 5.97 -6.02
N ASP A 27 3.68 4.85 -5.52
CA ASP A 27 4.68 4.90 -4.47
C ASP A 27 6.07 4.78 -5.06
N LEU A 28 6.79 5.89 -5.09
CA LEU A 28 8.18 5.93 -5.54
C LEU A 28 8.98 6.90 -4.69
N GLY A 29 8.91 6.72 -3.38
CA GLY A 29 9.44 7.69 -2.44
C GLY A 29 10.91 7.53 -2.07
N GLU A 30 11.59 6.56 -2.68
CA GLU A 30 13.02 6.38 -2.43
C GLU A 30 13.78 6.03 -3.69
N ASP A 31 15.10 6.04 -3.58
CA ASP A 31 15.97 5.63 -4.68
C ASP A 31 16.99 4.61 -4.19
N ALA A 32 17.44 3.74 -5.09
CA ALA A 32 18.42 2.72 -4.73
C ALA A 32 19.32 2.41 -5.92
N GLU A 33 20.60 2.15 -5.63
CA GLU A 33 21.58 1.90 -6.68
C GLU A 33 21.74 0.40 -6.95
N VAL A 34 21.64 0.03 -8.23
CA VAL A 34 21.88 -1.35 -8.66
C VAL A 34 22.96 -1.39 -9.72
N ALA A 35 24.15 -1.82 -9.33
CA ALA A 35 25.31 -1.90 -10.23
C ALA A 35 25.62 -0.57 -10.90
N GLY A 36 25.68 0.49 -10.11
CA GLY A 36 26.11 1.79 -10.61
C GLY A 36 25.02 2.65 -11.22
N THR A 37 23.76 2.28 -11.01
CA THR A 37 22.65 3.05 -11.56
C THR A 37 21.53 3.19 -10.52
N GLN A 38 21.07 4.43 -10.33
CA GLN A 38 20.01 4.71 -9.37
C GLN A 38 18.62 4.42 -9.97
N TYR A 39 17.77 3.79 -9.17
CA TYR A 39 16.41 3.48 -9.58
C TYR A 39 15.40 3.98 -8.54
N ARG A 40 14.22 4.38 -9.00
CA ARG A 40 13.15 4.72 -8.08
C ARG A 40 12.46 3.44 -7.62
N LEU A 41 12.01 3.42 -6.37
CA LEU A 41 11.34 2.24 -5.81
C LEU A 41 10.41 2.62 -4.67
N PRO A 42 9.32 1.84 -4.48
CA PRO A 42 8.34 2.07 -3.42
C PRO A 42 8.97 2.07 -2.02
N SER A 43 8.42 2.88 -1.12
CA SER A 43 8.98 3.03 0.21
C SER A 43 7.94 3.40 1.27
N GLY A 44 6.66 3.21 0.95
CA GLY A 44 5.60 3.49 1.89
C GLY A 44 5.62 2.52 3.06
N LYS A 45 5.41 3.05 4.27
CA LYS A 45 5.49 2.23 5.47
C LYS A 45 4.18 1.50 5.78
N CYS A 46 3.11 1.89 5.11
CA CYS A 46 1.82 1.23 5.29
C CYS A 46 1.43 0.39 4.09
N PRO A 47 0.68 -0.69 4.32
CA PRO A 47 0.12 -1.49 3.21
C PRO A 47 -1.04 -0.77 2.53
N VAL A 48 -1.15 -0.91 1.22
CA VAL A 48 -2.26 -0.31 0.48
C VAL A 48 -3.29 -1.36 0.12
N PHE A 49 -4.41 -1.36 0.84
CA PHE A 49 -5.43 -2.39 0.66
C PHE A 49 -6.28 -2.15 -0.58
N GLY A 50 -6.29 -3.13 -1.48
CA GLY A 50 -7.14 -3.06 -2.66
C GLY A 50 -6.44 -2.50 -3.89
N LYS A 51 -5.18 -2.13 -3.75
CA LYS A 51 -4.43 -1.56 -4.87
C LYS A 51 -3.90 -2.63 -5.81
N GLY A 52 -4.09 -2.41 -7.11
CA GLY A 52 -3.54 -3.27 -8.13
C GLY A 52 -3.12 -2.45 -9.33
N ILE A 53 -2.60 -3.12 -10.36
CA ILE A 53 -2.21 -2.43 -11.58
C ILE A 53 -3.00 -2.94 -12.78
N ILE A 54 -3.69 -2.03 -13.45
CA ILE A 54 -4.47 -2.38 -14.64
C ILE A 54 -3.63 -2.26 -15.89
N ILE A 55 -3.51 -3.37 -16.63
CA ILE A 55 -2.80 -3.35 -17.90
C ILE A 55 -3.80 -3.26 -19.05
N GLU A 56 -3.57 -2.33 -19.97
CA GLU A 56 -4.50 -2.07 -21.06
C GLU A 56 -3.93 -2.49 -22.42
N THR A 60 -3.74 -9.97 -20.11
CA THR A 60 -2.69 -10.23 -19.15
C THR A 60 -2.90 -9.43 -17.86
N THR A 61 -2.90 -10.13 -16.72
CA THR A 61 -2.97 -9.48 -15.43
C THR A 61 -1.57 -9.28 -14.87
N PHE A 62 -1.39 -8.25 -14.06
CA PHE A 62 -0.06 -7.82 -13.65
C PHE A 62 0.63 -8.79 -12.68
N LEU A 63 -0.12 -9.74 -12.14
CA LEU A 63 0.45 -10.71 -11.21
C LEU A 63 1.08 -11.90 -11.93
N LYS A 64 0.95 -11.94 -13.25
CA LYS A 64 1.63 -12.95 -14.05
C LYS A 64 3.13 -12.69 -14.02
N PRO A 65 3.95 -13.75 -14.11
CA PRO A 65 5.40 -13.60 -14.17
C PRO A 65 5.84 -12.71 -15.33
N VAL A 66 6.90 -11.94 -15.13
CA VAL A 66 7.39 -11.03 -16.16
C VAL A 66 7.96 -11.77 -17.37
N LYS A 74 4.85 -8.63 -23.66
CA LYS A 74 3.43 -8.35 -23.50
C LYS A 74 2.67 -9.60 -23.04
N ASP A 75 3.34 -10.75 -23.11
CA ASP A 75 2.74 -12.01 -22.68
C ASP A 75 3.00 -12.26 -21.21
N GLY A 76 3.69 -11.33 -20.55
CA GLY A 76 3.99 -11.45 -19.14
C GLY A 76 3.47 -10.27 -18.34
N GLY A 77 3.56 -10.39 -17.01
CA GLY A 77 3.08 -9.35 -16.12
C GLY A 77 4.18 -8.60 -15.41
N PHE A 78 4.00 -8.40 -14.10
CA PHE A 78 4.93 -7.60 -13.30
C PHE A 78 5.68 -8.45 -12.28
N ALA A 79 5.23 -9.68 -12.08
CA ALA A 79 5.74 -10.52 -10.99
C ALA A 79 7.07 -11.17 -11.32
N PHE A 80 7.70 -11.74 -10.29
CA PHE A 80 8.97 -12.45 -10.45
C PHE A 80 8.86 -13.65 -11.37
N PRO A 81 9.90 -13.89 -12.17
CA PRO A 81 9.99 -15.08 -13.01
C PRO A 81 10.17 -16.33 -12.17
N PRO A 82 9.77 -17.52 -12.69
CA PRO A 82 9.90 -18.78 -11.97
C PRO A 82 11.33 -19.05 -11.51
N THR A 83 11.48 -19.65 -10.34
CA THR A 83 12.80 -19.87 -9.74
C THR A 83 12.96 -21.28 -9.18
N ASN A 84 14.20 -21.63 -8.84
CA ASN A 84 14.50 -22.91 -8.22
C ASN A 84 15.28 -22.73 -6.93
N PRO A 85 14.60 -22.89 -5.78
CA PRO A 85 13.18 -23.25 -5.67
C PRO A 85 12.25 -22.08 -5.93
N LEU A 86 10.96 -22.36 -6.03
CA LEU A 86 9.97 -21.32 -6.33
C LEU A 86 9.73 -20.42 -5.11
N ILE A 87 10.30 -19.22 -5.16
CA ILE A 87 10.13 -18.26 -4.07
C ILE A 87 9.06 -17.22 -4.39
N SER A 88 8.52 -17.29 -5.61
CA SER A 88 7.44 -16.41 -6.02
C SER A 88 6.65 -17.03 -7.18
N PRO A 89 5.32 -17.20 -7.00
CA PRO A 89 4.58 -16.87 -5.78
C PRO A 89 4.80 -17.88 -4.66
N MET A 90 4.64 -17.44 -3.42
CA MET A 90 4.83 -18.32 -2.28
C MET A 90 3.72 -18.10 -1.24
N THR A 91 3.08 -19.19 -0.84
CA THR A 91 2.00 -19.13 0.13
C THR A 91 2.51 -18.69 1.50
N LEU A 92 1.57 -18.33 2.38
CA LEU A 92 1.93 -17.91 3.73
C LEU A 92 2.61 -19.04 4.49
N ASN A 93 2.05 -20.24 4.40
CA ASN A 93 2.65 -21.41 5.04
C ASN A 93 3.98 -21.76 4.41
N GLY A 94 4.10 -21.52 3.10
CA GLY A 94 5.34 -21.75 2.39
C GLY A 94 6.44 -20.83 2.89
N MET A 95 6.08 -19.58 3.15
CA MET A 95 7.03 -18.59 3.65
C MET A 95 7.46 -18.89 5.08
N ARG A 96 6.50 -19.26 5.93
CA ARG A 96 6.80 -19.56 7.33
C ARG A 96 7.68 -20.81 7.44
N ASP A 97 7.49 -21.76 6.54
CA ASP A 97 8.32 -22.95 6.50
C ASP A 97 9.72 -22.61 5.99
N PHE A 98 9.78 -21.71 5.01
CA PHE A 98 11.03 -21.29 4.41
C PHE A 98 11.94 -20.60 5.44
N TYR A 99 11.34 -19.84 6.35
CA TYR A 99 12.09 -19.09 7.34
C TYR A 99 11.91 -19.66 8.75
N LYS A 100 11.68 -20.97 8.83
CA LYS A 100 11.35 -21.60 10.11
C LYS A 100 12.49 -21.54 11.14
N ASN A 101 13.71 -21.31 10.67
CA ASN A 101 14.86 -21.21 11.56
C ASN A 101 15.16 -19.77 11.96
N ASN A 102 14.45 -18.83 11.34
CA ASN A 102 14.64 -17.41 11.62
C ASN A 102 13.52 -16.88 12.52
N GLU A 103 13.82 -16.69 13.79
CA GLU A 103 12.82 -16.25 14.76
C GLU A 103 12.40 -14.80 14.55
N TYR A 104 13.21 -14.05 13.80
CA TYR A 104 12.91 -12.64 13.56
C TYR A 104 12.00 -12.46 12.35
N VAL A 105 11.66 -13.57 11.70
CA VAL A 105 10.93 -13.52 10.44
C VAL A 105 9.72 -14.46 10.42
N LYS A 106 9.91 -15.67 10.96
CA LYS A 106 8.92 -16.74 10.83
C LYS A 106 7.55 -16.43 11.42
N ASN A 107 7.49 -15.49 12.36
CA ASN A 107 6.23 -15.18 13.04
C ASN A 107 5.65 -13.83 12.66
N LEU A 108 6.27 -13.18 11.68
CA LEU A 108 5.75 -11.91 11.16
C LEU A 108 4.36 -12.11 10.58
N ASP A 109 3.54 -11.06 10.64
CA ASP A 109 2.22 -11.10 10.03
C ASP A 109 2.35 -11.27 8.53
N GLU A 110 1.27 -11.69 7.87
CA GLU A 110 1.31 -12.06 6.46
C GLU A 110 1.81 -10.95 5.53
N LEU A 111 1.48 -9.71 5.87
CA LEU A 111 1.86 -8.58 5.01
C LEU A 111 3.32 -8.20 5.18
N THR A 112 3.75 -8.07 6.43
CA THR A 112 5.14 -7.74 6.72
C THR A 112 6.06 -8.85 6.24
N LEU A 113 5.66 -10.10 6.48
CA LEU A 113 6.43 -11.27 6.06
C LEU A 113 6.60 -11.29 4.54
N CYS A 114 5.53 -10.97 3.82
CA CYS A 114 5.59 -10.90 2.36
C CYS A 114 6.54 -9.79 1.93
N SER A 115 6.51 -8.68 2.66
CA SER A 115 7.40 -7.55 2.38
C SER A 115 8.86 -7.92 2.62
N ARG A 116 9.13 -8.57 3.74
N ARG A 116 9.13 -8.57 3.74
CA ARG A 116 10.49 -8.98 4.08
CA ARG A 116 10.49 -8.98 4.09
C ARG A 116 10.99 -10.08 3.14
C ARG A 116 10.99 -10.07 3.13
N HIS A 117 10.08 -10.95 2.71
CA HIS A 117 10.42 -12.02 1.79
C HIS A 117 10.87 -11.45 0.45
N ALA A 118 10.15 -10.44 -0.03
CA ALA A 118 10.50 -9.75 -1.26
C ALA A 118 11.81 -8.99 -1.11
N GLY A 119 12.03 -8.42 0.06
CA GLY A 119 13.22 -7.66 0.34
C GLY A 119 14.44 -8.53 0.56
N ASN A 120 14.23 -9.84 0.60
CA ASN A 120 15.31 -10.79 0.82
C ASN A 120 16.06 -11.12 -0.48
N MET A 121 15.46 -10.74 -1.60
CA MET A 121 16.04 -11.07 -2.91
C MET A 121 16.83 -9.92 -3.50
N ASN A 122 18.15 -10.05 -3.47
CA ASN A 122 19.05 -9.02 -4.00
C ASN A 122 19.37 -9.25 -5.48
N PRO A 123 18.96 -8.29 -6.33
CA PRO A 123 19.24 -8.36 -7.77
C PRO A 123 20.73 -8.21 -8.09
N ASP A 124 21.47 -7.56 -7.20
CA ASP A 124 22.90 -7.37 -7.37
C ASP A 124 23.65 -8.56 -6.76
N ASN A 125 23.93 -9.57 -7.58
CA ASN A 125 24.59 -10.78 -7.12
C ASN A 125 26.10 -10.60 -6.97
N ASP A 126 26.58 -9.38 -7.24
CA ASP A 126 28.00 -9.07 -7.11
C ASP A 126 28.28 -8.36 -5.79
N LYS A 127 27.41 -7.42 -5.43
CA LYS A 127 27.57 -6.67 -4.19
C LYS A 127 26.23 -6.42 -3.52
N ASN A 128 26.26 -6.29 -2.20
CA ASN A 128 25.04 -6.00 -1.44
C ASN A 128 24.53 -4.59 -1.74
N SER A 129 23.26 -4.50 -2.15
CA SER A 129 22.68 -3.22 -2.51
C SER A 129 21.43 -2.92 -1.68
N ASN A 130 20.89 -1.73 -1.86
CA ASN A 130 19.73 -1.28 -1.09
C ASN A 130 18.41 -1.54 -1.79
N TYR A 131 18.47 -1.97 -3.05
CA TYR A 131 17.26 -2.18 -3.84
C TYR A 131 16.46 -3.38 -3.33
N LYS A 132 15.22 -3.13 -2.94
CA LYS A 132 14.33 -4.19 -2.48
C LYS A 132 13.00 -4.10 -3.23
N TYR A 133 12.63 -5.20 -3.88
CA TYR A 133 11.42 -5.25 -4.69
C TYR A 133 10.16 -5.09 -3.85
N PRO A 134 9.14 -4.41 -4.40
CA PRO A 134 7.83 -4.37 -3.77
C PRO A 134 7.11 -5.71 -3.94
N ALA A 135 5.93 -5.86 -3.33
CA ALA A 135 5.22 -7.12 -3.41
C ALA A 135 3.71 -6.94 -3.25
N VAL A 136 2.96 -7.94 -3.69
CA VAL A 136 1.52 -7.96 -3.53
C VAL A 136 1.08 -9.23 -2.81
N TYR A 137 0.38 -9.07 -1.70
CA TYR A 137 -0.18 -10.21 -0.99
C TYR A 137 -1.65 -10.38 -1.34
N ASP A 138 -2.00 -11.57 -1.84
CA ASP A 138 -3.36 -11.88 -2.23
C ASP A 138 -4.04 -12.65 -1.11
N TYR A 139 -5.00 -12.01 -0.44
CA TYR A 139 -5.72 -12.63 0.67
C TYR A 139 -6.60 -13.79 0.22
N ASN A 140 -6.93 -13.84 -1.06
CA ASN A 140 -7.82 -14.86 -1.59
C ASN A 140 -7.23 -16.27 -1.48
N ASP A 141 -6.00 -16.43 -1.96
CA ASP A 141 -5.34 -17.73 -1.90
C ASP A 141 -4.10 -17.70 -1.01
N LYS A 142 -3.96 -16.63 -0.23
CA LYS A 142 -2.87 -16.46 0.71
C LYS A 142 -1.49 -16.61 0.06
N LYS A 143 -1.30 -15.90 -1.05
CA LYS A 143 -0.05 -15.98 -1.79
C LYS A 143 0.70 -14.64 -1.81
N CYS A 144 2.01 -14.70 -1.63
CA CYS A 144 2.87 -13.54 -1.74
C CYS A 144 3.51 -13.48 -3.12
N HIS A 145 3.23 -12.42 -3.87
CA HIS A 145 3.81 -12.22 -5.19
C HIS A 145 4.88 -11.14 -5.16
N ILE A 146 6.12 -11.51 -5.42
CA ILE A 146 7.20 -10.53 -5.50
C ILE A 146 7.17 -9.85 -6.87
N LEU A 147 7.03 -8.52 -6.87
CA LEU A 147 6.96 -7.77 -8.11
C LEU A 147 8.35 -7.44 -8.65
N TYR A 148 8.67 -7.96 -9.83
CA TYR A 148 9.94 -7.68 -10.47
C TYR A 148 9.94 -6.27 -11.05
N ILE A 149 8.76 -5.80 -11.45
CA ILE A 149 8.61 -4.45 -11.99
C ILE A 149 8.01 -3.53 -10.94
N ALA A 150 8.76 -2.51 -10.55
CA ALA A 150 8.33 -1.58 -9.51
C ALA A 150 7.55 -0.40 -10.09
N ALA A 151 7.51 -0.31 -11.42
CA ALA A 151 6.74 0.72 -12.10
C ALA A 151 5.26 0.54 -11.81
N GLN A 152 4.54 1.65 -11.71
CA GLN A 152 3.13 1.59 -11.33
C GLN A 152 2.22 2.32 -12.32
N GLU A 153 2.78 3.25 -13.09
CA GLU A 153 2.00 3.95 -14.09
C GLU A 153 2.83 4.35 -15.31
N ASN A 154 2.26 4.12 -16.50
CA ASN A 154 2.85 4.56 -17.74
C ASN A 154 1.76 4.88 -18.76
N ASN A 155 1.30 6.11 -18.77
CA ASN A 155 0.23 6.54 -19.65
C ASN A 155 0.70 7.53 -20.70
N PHE A 171 2.92 -0.71 -24.14
CA PHE A 171 2.75 -1.34 -22.84
C PHE A 171 2.36 -0.30 -21.79
N CYS A 172 1.09 0.11 -21.81
CA CYS A 172 0.61 1.14 -20.89
C CYS A 172 -0.16 0.54 -19.71
N PHE A 173 -0.06 1.21 -18.56
CA PHE A 173 -0.71 0.72 -17.35
C PHE A 173 -0.96 1.83 -16.34
N ARG A 174 -1.82 1.56 -15.37
CA ARG A 174 -2.17 2.55 -14.35
C ARG A 174 -2.57 1.88 -13.04
N PRO A 175 -2.28 2.54 -11.91
CA PRO A 175 -2.69 2.02 -10.61
C PRO A 175 -4.16 2.32 -10.34
N ALA A 176 -4.85 1.39 -9.71
CA ALA A 176 -6.27 1.58 -9.43
C ALA A 176 -6.77 0.64 -8.35
N LYS A 177 -7.84 1.05 -7.67
CA LYS A 177 -8.59 0.14 -6.83
C LYS A 177 -9.78 -0.36 -7.63
N ASP A 178 -10.01 -1.67 -7.58
CA ASP A 178 -11.01 -2.30 -8.42
C ASP A 178 -11.58 -3.51 -7.72
N LYS A 179 -12.80 -3.90 -8.10
CA LYS A 179 -13.45 -5.07 -7.50
C LYS A 179 -12.59 -6.32 -7.66
N LEU A 180 -11.85 -6.38 -8.77
CA LEU A 180 -10.96 -7.50 -9.03
C LEU A 180 -9.74 -7.48 -8.11
N PHE A 181 -9.43 -6.31 -7.57
CA PHE A 181 -8.23 -6.13 -6.75
C PHE A 181 -8.52 -6.09 -5.25
N GLU A 182 -9.77 -6.33 -4.87
CA GLU A 182 -10.21 -6.07 -3.49
C GLU A 182 -9.46 -6.89 -2.44
N ASN A 183 -8.91 -8.03 -2.84
CA ASN A 183 -8.14 -8.86 -1.91
C ASN A 183 -6.63 -8.70 -2.09
N TYR A 184 -6.24 -7.90 -3.08
CA TYR A 184 -4.83 -7.59 -3.29
C TYR A 184 -4.37 -6.56 -2.26
N THR A 185 -3.08 -6.59 -1.93
CA THR A 185 -2.49 -5.62 -1.02
C THR A 185 -1.09 -5.24 -1.50
N TYR A 186 -0.91 -3.96 -1.84
CA TYR A 186 0.35 -3.49 -2.38
C TYR A 186 1.32 -3.17 -1.26
N LEU A 187 2.49 -3.82 -1.27
CA LEU A 187 3.45 -3.70 -0.18
C LEU A 187 4.81 -3.21 -0.65
N SER A 188 5.29 -2.12 -0.06
CA SER A 188 6.64 -1.65 -0.34
C SER A 188 7.63 -2.38 0.56
N LYS A 189 8.91 -2.09 0.39
CA LYS A 189 9.96 -2.72 1.18
C LYS A 189 9.94 -2.25 2.63
N ASN A 190 9.30 -1.11 2.88
CA ASN A 190 9.38 -0.46 4.17
C ASN A 190 8.16 -0.69 5.07
N VAL A 191 7.29 -1.61 4.68
CA VAL A 191 6.09 -1.91 5.47
C VAL A 191 6.46 -2.33 6.89
N VAL A 192 6.02 -1.53 7.86
CA VAL A 192 6.36 -1.76 9.26
C VAL A 192 5.63 -2.97 9.83
N ASP A 193 6.26 -3.65 10.79
CA ASP A 193 5.71 -4.89 11.33
C ASP A 193 4.55 -4.64 12.30
N ASN A 194 4.31 -3.39 12.64
CA ASN A 194 3.19 -3.03 13.50
C ASN A 194 2.15 -2.19 12.75
N TRP A 195 1.97 -2.47 11.47
CA TRP A 195 1.03 -1.73 10.64
C TRP A 195 -0.40 -1.86 11.15
N GLU A 196 -0.71 -3.00 11.77
CA GLU A 196 -2.03 -3.24 12.34
C GLU A 196 -2.36 -2.18 13.40
N GLU A 197 -1.33 -1.67 14.05
CA GLU A 197 -1.51 -0.71 15.13
C GLU A 197 -1.45 0.75 14.66
N VAL A 198 -0.62 1.01 13.65
CA VAL A 198 -0.31 2.38 13.27
C VAL A 198 -0.76 2.76 11.86
N CYS A 199 -1.35 1.83 11.13
CA CYS A 199 -1.81 2.11 9.77
C CYS A 199 -3.32 1.86 9.64
N PRO A 200 -3.96 2.62 8.74
CA PRO A 200 -5.40 2.44 8.48
C PRO A 200 -5.70 1.15 7.73
N ARG A 201 -6.85 0.56 8.01
CA ARG A 201 -7.34 -0.57 7.22
C ARG A 201 -8.85 -0.49 7.04
N LYS A 202 -9.56 -0.49 8.16
CA LYS A 202 -11.01 -0.48 8.15
C LYS A 202 -11.57 0.92 7.95
N ASN A 203 -12.73 1.00 7.31
CA ASN A 203 -13.46 2.26 7.21
C ASN A 203 -14.30 2.46 8.46
N LEU A 204 -14.42 3.70 8.91
CA LEU A 204 -15.13 3.98 10.16
C LEU A 204 -16.60 4.28 9.93
N GLU A 205 -17.45 3.34 10.29
CA GLU A 205 -18.89 3.48 10.13
C GLU A 205 -19.47 4.44 11.16
N ASN A 206 -20.46 5.22 10.73
CA ASN A 206 -21.12 6.22 11.58
C ASN A 206 -20.15 7.25 12.14
N ALA A 207 -19.08 7.51 11.39
CA ALA A 207 -18.05 8.45 11.83
C ALA A 207 -17.66 9.41 10.71
N LYS A 208 -17.29 10.63 11.10
CA LYS A 208 -16.89 11.66 10.15
C LYS A 208 -15.59 12.31 10.60
N PHE A 209 -14.60 12.36 9.69
CA PHE A 209 -13.34 13.01 9.99
C PHE A 209 -13.55 14.50 10.30
N GLY A 210 -12.86 14.98 11.32
CA GLY A 210 -13.00 16.38 11.71
C GLY A 210 -11.69 16.98 12.18
N LEU A 211 -11.73 18.24 12.58
CA LEU A 211 -10.56 18.94 13.10
C LEU A 211 -10.84 19.47 14.50
N TRP A 212 -10.01 19.06 15.46
CA TRP A 212 -10.22 19.42 16.85
C TRP A 212 -9.85 20.87 17.14
N VAL A 213 -10.84 21.67 17.50
CA VAL A 213 -10.62 23.08 17.80
C VAL A 213 -11.29 23.48 19.12
N ASP A 214 -10.46 23.83 20.10
CA ASP A 214 -10.92 24.33 21.39
C ASP A 214 -11.97 23.43 22.06
N GLY A 215 -11.60 22.17 22.29
CA GLY A 215 -12.46 21.25 23.01
C GLY A 215 -13.64 20.71 22.22
N ASN A 216 -13.62 20.90 20.90
CA ASN A 216 -14.70 20.42 20.06
C ASN A 216 -14.19 19.97 18.69
N CYS A 217 -14.82 18.94 18.15
CA CYS A 217 -14.43 18.41 16.83
C CYS A 217 -15.24 19.09 15.73
N GLU A 218 -14.57 19.96 14.97
CA GLU A 218 -15.24 20.73 13.93
C GLU A 218 -15.15 20.05 12.57
N ASP A 219 -16.08 20.40 11.68
CA ASP A 219 -16.06 19.87 10.31
C ASP A 219 -14.82 20.32 9.56
N ILE A 220 -14.39 19.51 8.60
CA ILE A 220 -13.36 19.94 7.67
C ILE A 220 -13.88 21.16 6.92
N PRO A 221 -13.25 22.32 7.12
CA PRO A 221 -13.75 23.61 6.61
C PRO A 221 -13.92 23.63 5.09
N HIS A 222 -13.03 22.95 4.37
CA HIS A 222 -13.12 22.89 2.92
C HIS A 222 -12.90 21.48 2.39
N VAL A 223 -13.88 20.95 1.67
CA VAL A 223 -13.77 19.64 1.06
C VAL A 223 -14.12 19.70 -0.42
N ASN A 224 -13.61 18.74 -1.19
CA ASN A 224 -13.92 18.65 -2.61
C ASN A 224 -14.91 17.50 -2.84
N GLU A 225 -16.13 17.85 -3.24
CA GLU A 225 -17.21 16.87 -3.31
C GLU A 225 -17.27 16.13 -4.64
N PHE A 226 -17.08 14.82 -4.57
CA PHE A 226 -17.22 13.94 -5.71
C PHE A 226 -18.38 12.98 -5.46
N SER A 227 -19.27 12.84 -6.45
CA SER A 227 -20.40 11.94 -6.31
C SER A 227 -19.95 10.48 -6.41
N ALA A 228 -20.51 9.63 -5.54
CA ALA A 228 -20.14 8.22 -5.51
C ALA A 228 -21.32 7.35 -5.11
N ASN A 229 -21.54 6.26 -5.84
CA ASN A 229 -22.70 5.40 -5.63
C ASN A 229 -22.64 4.62 -4.32
N ASP A 230 -21.44 4.18 -3.95
CA ASP A 230 -21.26 3.44 -2.70
C ASP A 230 -19.90 3.76 -2.08
N LEU A 231 -19.59 3.09 -0.97
CA LEU A 231 -18.33 3.33 -0.26
C LEU A 231 -17.13 2.93 -1.11
N PHE A 232 -17.26 1.85 -1.88
CA PHE A 232 -16.19 1.38 -2.74
C PHE A 232 -15.75 2.45 -3.73
N GLU A 233 -16.72 3.08 -4.38
CA GLU A 233 -16.43 4.11 -5.37
C GLU A 233 -15.82 5.36 -4.73
N CYS A 234 -16.17 5.63 -3.48
CA CYS A 234 -15.59 6.77 -2.78
C CYS A 234 -14.13 6.50 -2.45
N ASN A 235 -13.86 5.31 -1.93
CA ASN A 235 -12.50 4.88 -1.64
C ASN A 235 -11.66 4.85 -2.91
N LYS A 236 -12.29 4.45 -4.01
CA LYS A 236 -11.64 4.43 -5.31
C LYS A 236 -11.23 5.84 -5.74
N LEU A 237 -12.13 6.80 -5.53
CA LEU A 237 -11.88 8.18 -5.91
C LEU A 237 -10.79 8.82 -5.05
N VAL A 238 -10.80 8.53 -3.76
CA VAL A 238 -9.79 9.05 -2.85
C VAL A 238 -8.40 8.56 -3.24
N PHE A 239 -8.30 7.28 -3.59
CA PHE A 239 -7.06 6.68 -4.04
C PHE A 239 -6.54 7.39 -5.30
N GLU A 240 -7.44 7.68 -6.22
CA GLU A 240 -7.08 8.35 -7.48
C GLU A 240 -6.53 9.75 -7.24
N LEU A 241 -6.96 10.39 -6.16
CA LEU A 241 -6.58 11.77 -5.87
C LEU A 241 -5.48 11.85 -4.81
N SER A 242 -5.11 10.70 -4.25
CA SER A 242 -4.19 10.65 -3.12
C SER A 242 -2.76 11.01 -3.47
N ALA A 243 -1.89 10.92 -2.47
CA ALA A 243 -0.47 11.18 -2.64
C ALA A 243 0.13 10.32 -3.75
N SER A 244 0.82 10.97 -4.68
CA SER A 244 1.43 10.27 -5.81
C SER A 244 2.83 10.81 -6.08
N ASP A 245 3.78 9.92 -6.32
CA ASP A 245 5.16 10.29 -6.54
C ASP A 245 5.50 10.36 -8.03
N GLN A 246 4.47 10.51 -8.83
CA GLN A 246 4.63 10.63 -10.29
C GLN A 246 3.42 11.32 -10.88
N PRO A 247 3.66 12.41 -11.63
CA PRO A 247 2.56 13.17 -12.24
C PRO A 247 1.78 12.33 -13.25
N LYS A 248 0.45 12.49 -13.26
CA LYS A 248 -0.39 11.75 -14.19
C LYS A 248 -0.02 12.11 -15.63
N GLN A 249 -0.05 11.11 -16.50
CA GLN A 249 0.36 11.26 -17.89
C GLN A 249 1.80 11.78 -18.00
N ARG A 286 11.94 15.53 -6.21
CA ARG A 286 11.12 16.61 -6.73
C ARG A 286 9.71 16.12 -7.05
N TYR A 287 9.61 14.83 -7.38
CA TYR A 287 8.31 14.21 -7.67
C TYR A 287 7.72 13.59 -6.41
N LYS A 288 8.55 13.40 -5.39
CA LYS A 288 8.15 12.74 -4.17
C LYS A 288 7.10 13.54 -3.39
N SER A 289 6.03 12.86 -3.01
CA SER A 289 4.96 13.49 -2.24
C SER A 289 5.25 13.45 -0.75
N HIS A 290 6.02 12.43 -0.34
CA HIS A 290 6.33 12.20 1.07
C HIS A 290 5.07 12.05 1.92
N GLY A 291 3.98 11.61 1.30
CA GLY A 291 2.74 11.37 2.00
C GLY A 291 1.71 12.48 1.88
N LYS A 292 2.12 13.61 1.32
CA LYS A 292 1.23 14.76 1.17
C LYS A 292 0.26 14.57 0.01
N GLY A 293 -1.02 14.84 0.25
CA GLY A 293 -2.03 14.74 -0.79
C GLY A 293 -3.45 14.56 -0.29
N TYR A 294 -4.39 14.35 -1.21
CA TYR A 294 -5.78 14.13 -0.86
C TYR A 294 -6.00 12.68 -0.46
N ASN A 295 -5.62 12.36 0.77
CA ASN A 295 -5.58 10.98 1.23
C ASN A 295 -6.83 10.54 1.98
N TRP A 296 -7.68 11.50 2.36
CA TRP A 296 -8.83 11.21 3.19
C TRP A 296 -10.14 11.55 2.51
N GLY A 297 -11.22 10.88 2.93
CA GLY A 297 -12.54 11.14 2.40
C GLY A 297 -13.64 10.88 3.40
N ASN A 298 -14.62 11.78 3.45
CA ASN A 298 -15.83 11.57 4.24
C ASN A 298 -16.98 11.18 3.32
N TYR A 299 -17.41 9.93 3.38
CA TYR A 299 -18.48 9.48 2.50
C TYR A 299 -19.85 9.57 3.16
N ASN A 300 -20.66 10.51 2.67
CA ASN A 300 -22.06 10.60 3.07
C ASN A 300 -22.87 9.59 2.25
N ARG A 301 -23.29 8.50 2.90
CA ARG A 301 -23.95 7.41 2.21
C ARG A 301 -25.37 7.75 1.78
N GLU A 302 -25.96 8.78 2.41
CA GLU A 302 -27.32 9.18 2.10
C GLU A 302 -27.37 10.14 0.92
N THR A 303 -26.46 11.11 0.90
CA THR A 303 -26.39 12.07 -0.20
C THR A 303 -25.49 11.54 -1.31
N GLN A 304 -24.84 10.40 -1.04
CA GLN A 304 -23.91 9.77 -1.98
C GLN A 304 -22.82 10.75 -2.42
N LYS A 305 -22.21 11.41 -1.44
CA LYS A 305 -21.13 12.35 -1.70
C LYS A 305 -19.82 11.87 -1.08
N CYS A 306 -18.77 11.84 -1.90
CA CYS A 306 -17.43 11.55 -1.40
C CYS A 306 -16.69 12.86 -1.14
N GLU A 307 -16.67 13.28 0.12
CA GLU A 307 -16.07 14.55 0.50
C GLU A 307 -14.58 14.38 0.73
N ILE A 308 -13.78 14.83 -0.24
CA ILE A 308 -12.35 14.56 -0.26
C ILE A 308 -11.52 15.78 0.13
N PHE A 309 -10.54 15.58 1.00
CA PHE A 309 -9.68 16.68 1.47
C PHE A 309 -8.24 16.22 1.66
N ASN A 310 -7.32 17.18 1.80
CA ASN A 310 -5.90 16.87 1.83
C ASN A 310 -5.16 17.30 3.09
N VAL A 311 -5.90 17.58 4.17
CA VAL A 311 -5.28 17.86 5.46
C VAL A 311 -5.65 16.76 6.44
N LYS A 312 -4.73 16.41 7.34
CA LYS A 312 -4.96 15.31 8.25
C LYS A 312 -6.06 15.63 9.27
N PRO A 313 -6.96 14.67 9.49
CA PRO A 313 -8.01 14.79 10.51
C PRO A 313 -7.44 14.57 11.90
N THR A 314 -8.01 15.23 12.92
CA THR A 314 -7.47 15.14 14.27
C THR A 314 -8.53 14.68 15.27
N CYS A 315 -9.72 14.36 14.78
CA CYS A 315 -10.78 13.84 15.62
C CYS A 315 -11.89 13.20 14.79
N LEU A 316 -12.85 12.58 15.47
CA LEU A 316 -14.00 11.98 14.81
C LEU A 316 -15.30 12.64 15.24
N ILE A 317 -16.24 12.73 14.30
CA ILE A 317 -17.58 13.22 14.61
C ILE A 317 -18.59 12.09 14.42
N ASN A 318 -19.42 11.85 15.44
CA ASN A 318 -20.44 10.83 15.34
C ASN A 318 -21.58 11.28 14.44
N ASN A 319 -21.73 10.60 13.30
CA ASN A 319 -22.79 10.91 12.35
C ASN A 319 -23.15 9.66 11.57
N SER A 320 -24.38 9.19 11.73
CA SER A 320 -24.83 7.93 11.15
C SER A 320 -24.90 7.96 9.62
N SER A 321 -24.76 9.14 9.04
CA SER A 321 -24.83 9.29 7.59
C SER A 321 -23.47 9.12 6.92
N TYR A 322 -22.43 8.95 7.72
CA TYR A 322 -21.07 8.99 7.18
C TYR A 322 -20.22 7.75 7.43
N ILE A 323 -19.28 7.53 6.52
CA ILE A 323 -18.23 6.52 6.69
C ILE A 323 -16.89 7.16 6.36
N ALA A 324 -15.96 7.11 7.31
CA ALA A 324 -14.65 7.73 7.12
C ALA A 324 -13.67 6.79 6.44
N THR A 325 -13.16 7.19 5.28
CA THR A 325 -12.25 6.35 4.52
C THR A 325 -10.93 7.05 4.20
N THR A 326 -9.91 6.25 3.88
CA THR A 326 -8.62 6.78 3.42
C THR A 326 -8.19 6.01 2.18
N ALA A 327 -7.21 6.56 1.47
CA ALA A 327 -6.68 5.92 0.26
C ALA A 327 -6.00 4.59 0.59
N LEU A 328 -5.51 4.47 1.81
CA LEU A 328 -4.85 3.25 2.25
C LEU A 328 -5.85 2.18 2.69
N SER A 329 -7.03 2.63 3.13
CA SER A 329 -8.03 1.75 3.70
C SER A 329 -8.61 0.77 2.69
N HIS A 330 -9.10 -0.37 3.21
CA HIS A 330 -9.79 -1.35 2.40
C HIS A 330 -11.07 -0.74 1.84
N PRO A 331 -11.39 -1.04 0.58
CA PRO A 331 -12.56 -0.42 -0.07
C PRO A 331 -13.90 -0.93 0.45
N ILE A 332 -13.91 -1.97 1.28
CA ILE A 332 -15.16 -2.58 1.72
C ILE A 332 -15.31 -2.66 3.24
N GLU A 333 -14.27 -3.17 3.91
CA GLU A 333 -14.34 -3.43 5.35
C GLU A 333 -14.68 -2.20 6.19
N VAL A 334 -15.61 -2.37 7.12
CA VAL A 334 -15.97 -1.30 8.05
C VAL A 334 -15.90 -1.77 9.50
N GLU A 335 -15.83 -0.82 10.43
CA GLU A 335 -15.85 -1.14 11.85
C GLU A 335 -16.47 0.00 12.63
N CYS B 1 18.89 -14.74 -11.82
CA CYS B 1 19.42 -15.17 -10.53
C CYS B 1 19.39 -14.04 -9.50
N PHE B 2 19.10 -14.41 -8.26
CA PHE B 2 19.11 -13.45 -7.16
C PHE B 2 19.94 -13.99 -5.99
N THR B 3 20.24 -13.14 -5.03
CA THR B 3 20.99 -13.56 -3.85
C THR B 3 20.23 -13.25 -2.56
N ALA B 4 20.01 -14.28 -1.75
CA ALA B 4 19.32 -14.12 -0.47
C ALA B 4 20.16 -13.28 0.47
N ARG B 5 19.55 -12.27 1.07
CA ARG B 5 20.27 -11.37 1.97
C ARG B 5 20.40 -11.95 3.37
N MET B 6 19.38 -12.71 3.79
CA MET B 6 19.38 -13.29 5.13
C MET B 6 20.02 -14.67 5.14
N SER B 7 20.60 -15.03 6.28
CA SER B 7 21.23 -16.33 6.47
C SER B 7 20.19 -17.45 6.40
N PRO B 8 20.47 -18.50 5.61
CA PRO B 8 21.70 -18.66 4.83
C PRO B 8 21.64 -17.94 3.48
N PRO B 9 22.70 -17.19 3.14
CA PRO B 9 22.78 -16.57 1.81
C PRO B 9 22.96 -17.63 0.75
N GLN B 10 22.18 -17.54 -0.33
CA GLN B 10 22.22 -18.52 -1.40
C GLN B 10 21.76 -17.86 -2.69
N GLN B 11 21.98 -18.53 -3.81
CA GLN B 11 21.59 -17.99 -5.11
C GLN B 11 20.34 -18.69 -5.64
N ILE B 12 19.30 -17.90 -5.87
CA ILE B 12 18.05 -18.42 -6.42
C ILE B 12 17.88 -17.93 -7.85
N CYS B 13 17.86 -18.86 -8.79
CA CYS B 13 17.77 -18.53 -10.21
C CYS B 13 16.46 -19.01 -10.83
#